data_5SZN
#
_entry.id   5SZN
#
_cell.length_a   191.680
_cell.length_b   107.610
_cell.length_c   49.870
_cell.angle_alpha   90.00
_cell.angle_beta   97.14
_cell.angle_gamma   90.00
#
_symmetry.space_group_name_H-M   'C 1 2 1'
#
loop_
_entity.id
_entity.type
_entity.pdbx_description
1 polymer 'Protocadherin gamma A9'
2 branched beta-D-mannopyranose-(1-4)-2-acetamido-2-deoxy-beta-D-glucopyranose-(1-4)-2-acetamido-2-deoxy-beta-D-glucopyranose
3 non-polymer alpha-D-mannopyranose
4 non-polymer 2-acetamido-2-deoxy-beta-D-glucopyranose
5 non-polymer 'CALCIUM ION'
6 non-polymer GLYCEROL
7 water water
#
_entity_poly.entity_id   1
_entity_poly.type   'polypeptide(L)'
_entity_poly.pdbx_seq_one_letter_code
;GQIRYSVPEETEKGYIVGNISKDLGLEPRELAERGVRIISKGKTQLFSLSPRSGSLVTAGRIDREELCAQSATCLLNFKV
LVEDRVKLYGVEVEVVDINDNAPKFEAENLFVKISEIAAPGARYPLPEAVDPDVGINSLQSYQLSPNRHFSLHLQTGDDG
TINPELVLERTLDREEEPTHHLVLTAYDGGNPRRSSTALIQVTVLDTNDNAPVFDQPVYRVKVLENVAPGTLLLTVRASD
PDEGANGKVTYKFRKINEKHSLLFHLHENTGEMTVAKNLDYEECSLYEMEIQAEDGGGLKGRTKVVVMVEDVNDNRPEVT
ITSLFSPVREDAPPGTVILLFNAHDQDSGKNGQVVCSIQENPSFKLENSVDDYYRLLTAQILDREKASEYNITVTATDRG
TPSMSTEVHITLYVADINDNPPAFSQTSYSVYLPENNPRGTSIFSVSAHDPDDEENAKVTYSLVENTIQGAPLSSYVSIN
SDTGVLYALQSFDYEQFQNLQMQVKASDNGHPPLSSNVSLSVFLLDQNDHHHHHHHH
;
_entity_poly.pdbx_strand_id   A
#
# COMPACT_ATOMS: atom_id res chain seq x y z
N ILE A 3 -10.18 98.48 19.67
CA ILE A 3 -9.92 97.81 20.94
C ILE A 3 -10.03 96.30 20.76
N ARG A 4 -9.22 95.56 21.51
CA ARG A 4 -9.19 94.11 21.45
C ARG A 4 -9.79 93.51 22.72
N TYR A 5 -10.21 92.24 22.61
CA TYR A 5 -10.76 91.51 23.73
C TYR A 5 -10.59 90.02 23.46
N SER A 6 -11.12 89.20 24.36
CA SER A 6 -10.99 87.75 24.26
C SER A 6 -12.27 87.09 24.77
N VAL A 7 -12.40 85.81 24.48
CA VAL A 7 -13.58 85.04 24.88
C VAL A 7 -13.28 83.55 24.81
N PRO A 8 -13.68 82.77 25.82
CA PRO A 8 -13.53 81.31 25.72
C PRO A 8 -14.55 80.72 24.76
N GLU A 9 -14.12 79.71 24.01
CA GLU A 9 -14.97 79.09 23.02
C GLU A 9 -16.04 78.22 23.68
N GLU A 10 -17.13 78.00 22.94
CA GLU A 10 -18.23 77.14 23.36
C GLU A 10 -18.75 77.54 24.75
N THR A 11 -18.95 78.83 24.91
CA THR A 11 -19.56 79.37 26.12
C THR A 11 -21.02 79.66 25.87
N GLU A 12 -21.83 79.50 26.90
CA GLU A 12 -23.27 79.69 26.78
C GLU A 12 -23.61 81.13 26.39
N LYS A 13 -24.83 81.32 25.91
CA LYS A 13 -25.27 82.64 25.49
C LYS A 13 -25.26 83.60 26.68
N GLY A 14 -24.79 84.82 26.45
CA GLY A 14 -24.77 85.82 27.49
C GLY A 14 -23.48 85.92 28.27
N TYR A 15 -22.37 85.38 27.75
CA TYR A 15 -21.14 85.35 28.52
C TYR A 15 -20.47 86.73 28.53
N ILE A 16 -19.57 86.91 29.49
CA ILE A 16 -18.89 88.19 29.68
C ILE A 16 -17.95 88.45 28.51
N VAL A 17 -18.06 89.64 27.92
CA VAL A 17 -17.07 90.17 26.99
C VAL A 17 -16.70 91.56 27.50
N GLY A 18 -15.58 92.07 27.01
CA GLY A 18 -15.16 93.42 27.37
C GLY A 18 -16.24 94.45 27.18
N ASN A 19 -16.55 95.21 28.23
CA ASN A 19 -17.61 96.19 28.18
C ASN A 19 -17.35 97.20 27.06
N ILE A 20 -18.39 97.48 26.28
CA ILE A 20 -18.26 98.38 25.14
C ILE A 20 -18.46 99.84 25.56
N SER A 21 -19.43 100.10 26.45
CA SER A 21 -19.73 101.48 26.82
C SER A 21 -18.56 102.14 27.54
N LYS A 22 -17.89 101.42 28.45
CA LYS A 22 -16.79 102.00 29.18
C LYS A 22 -15.61 102.32 28.27
N ASP A 23 -15.48 101.60 27.15
CA ASP A 23 -14.42 101.89 26.19
C ASP A 23 -14.82 103.00 25.23
N LEU A 24 -16.11 103.10 24.88
CA LEU A 24 -16.57 104.16 24.01
C LEU A 24 -16.64 105.49 24.75
N GLY A 25 -17.11 105.48 26.00
CA GLY A 25 -17.22 106.69 26.79
C GLY A 25 -18.63 107.22 26.88
N LEU A 26 -19.55 106.38 27.36
CA LEU A 26 -20.95 106.77 27.48
C LEU A 26 -21.63 105.89 28.51
N GLU A 27 -22.67 106.44 29.15
CA GLU A 27 -23.43 105.71 30.14
C GLU A 27 -24.29 104.65 29.47
N PRO A 28 -24.66 103.59 30.20
CA PRO A 28 -25.54 102.54 29.66
C PRO A 28 -26.88 103.08 29.19
N GLU A 33 -31.96 105.17 23.69
CA GLU A 33 -31.38 106.51 23.77
C GLU A 33 -30.16 106.63 22.85
N ARG A 34 -29.16 105.77 23.07
CA ARG A 34 -27.98 105.80 22.23
C ARG A 34 -28.27 105.24 20.84
N GLY A 35 -29.16 104.26 20.73
CA GLY A 35 -29.47 103.66 19.45
C GLY A 35 -28.28 103.00 18.79
N VAL A 36 -27.50 102.24 19.56
CA VAL A 36 -26.27 101.63 19.07
C VAL A 36 -26.56 100.22 18.59
N ARG A 37 -25.98 99.86 17.44
CA ARG A 37 -26.20 98.55 16.84
C ARG A 37 -24.89 98.04 16.24
N ILE A 38 -24.85 96.76 15.90
CA ILE A 38 -23.66 96.12 15.37
C ILE A 38 -23.63 96.25 13.86
N ILE A 39 -22.46 96.53 13.30
CA ILE A 39 -22.32 96.84 11.88
C ILE A 39 -21.93 95.64 11.02
N SER A 40 -21.35 94.60 11.62
CA SER A 40 -20.90 93.46 10.82
C SER A 40 -22.09 92.62 10.36
N LYS A 41 -21.84 91.80 9.33
CA LYS A 41 -22.86 90.96 8.75
C LYS A 41 -22.29 89.55 8.56
N GLY A 42 -22.88 88.58 9.25
CA GLY A 42 -22.59 87.18 9.03
C GLY A 42 -23.87 86.45 8.63
N LYS A 43 -23.70 85.22 8.13
CA LYS A 43 -24.84 84.38 7.83
C LYS A 43 -25.76 84.27 9.04
N THR A 44 -25.18 83.95 10.19
CA THR A 44 -25.80 84.17 11.49
C THR A 44 -24.79 84.93 12.35
N GLN A 45 -25.29 85.58 13.39
CA GLN A 45 -24.42 86.30 14.31
C GLN A 45 -24.59 85.74 15.71
N LEU A 46 -23.48 85.74 16.45
CA LEU A 46 -23.40 85.11 17.76
C LEU A 46 -23.25 86.12 18.88
N PHE A 47 -23.43 87.41 18.61
CA PHE A 47 -23.16 88.47 19.56
C PHE A 47 -24.39 89.35 19.75
N SER A 48 -24.50 89.94 20.94
CA SER A 48 -25.58 90.87 21.25
C SER A 48 -25.20 91.65 22.51
N LEU A 49 -25.24 92.97 22.43
CA LEU A 49 -24.87 93.80 23.57
C LEU A 49 -26.01 93.85 24.59
N SER A 50 -25.65 93.78 25.87
CA SER A 50 -26.62 93.77 26.94
C SER A 50 -26.81 95.17 27.49
N PRO A 51 -28.04 95.71 27.49
CA PRO A 51 -28.26 97.01 28.15
C PRO A 51 -28.16 96.95 29.67
N ARG A 52 -28.15 95.75 30.25
CA ARG A 52 -28.09 95.62 31.71
C ARG A 52 -26.74 96.11 32.26
N SER A 53 -25.65 95.83 31.55
CA SER A 53 -24.32 96.20 32.01
C SER A 53 -23.53 97.00 30.98
N GLY A 54 -24.08 97.20 29.78
CA GLY A 54 -23.34 97.87 28.73
C GLY A 54 -22.31 97.00 28.04
N SER A 55 -22.09 95.78 28.50
CA SER A 55 -21.08 94.88 27.95
C SER A 55 -21.71 93.96 26.91
N LEU A 56 -20.95 93.68 25.86
CA LEU A 56 -21.39 92.71 24.86
C LEU A 56 -21.46 91.33 25.49
N VAL A 57 -22.49 90.58 25.14
CA VAL A 57 -22.61 89.19 25.56
C VAL A 57 -22.92 88.36 24.32
N THR A 58 -22.22 87.24 24.17
CA THR A 58 -22.43 86.41 22.99
C THR A 58 -23.81 85.76 23.05
N ALA A 59 -24.45 85.66 21.88
CA ALA A 59 -25.77 85.06 21.78
C ALA A 59 -25.77 83.72 21.05
N GLY A 60 -24.60 83.24 20.63
CA GLY A 60 -24.51 81.94 19.99
C GLY A 60 -23.25 81.23 20.41
N ARG A 61 -23.30 79.90 20.34
CA ARG A 61 -22.16 79.08 20.74
C ARG A 61 -21.02 79.24 19.72
N ILE A 62 -19.81 79.46 20.22
CA ILE A 62 -18.62 79.67 19.40
C ILE A 62 -17.77 78.41 19.44
N ASP A 63 -17.55 77.80 18.28
CA ASP A 63 -16.64 76.68 18.13
C ASP A 63 -15.57 77.09 17.10
N ARG A 64 -14.41 77.52 17.60
CA ARG A 64 -13.36 77.99 16.72
C ARG A 64 -12.83 76.89 15.80
N GLU A 65 -13.08 75.62 16.14
CA GLU A 65 -12.75 74.54 15.22
C GLU A 65 -13.59 74.63 13.95
N GLU A 66 -14.84 75.10 14.06
CA GLU A 66 -15.69 75.38 12.92
C GLU A 66 -15.52 76.80 12.40
N LEU A 67 -14.51 77.53 12.89
CA LEU A 67 -14.24 78.90 12.44
C LEU A 67 -12.83 79.04 11.90
N CYS A 68 -11.81 78.81 12.74
CA CYS A 68 -10.41 78.90 12.30
C CYS A 68 -9.74 77.55 12.15
N ALA A 69 -10.44 76.45 12.50
CA ALA A 69 -9.92 75.10 12.37
C ALA A 69 -8.60 74.92 13.12
N GLN A 70 -7.49 74.95 12.39
CA GLN A 70 -6.17 74.72 12.97
C GLN A 70 -5.36 75.99 13.15
N SER A 71 -5.95 77.15 12.89
CA SER A 71 -5.24 78.41 13.09
C SER A 71 -4.97 78.63 14.57
N ALA A 72 -3.72 79.02 14.89
CA ALA A 72 -3.34 79.19 16.29
C ALA A 72 -4.08 80.34 16.94
N THR A 73 -4.33 81.41 16.19
CA THR A 73 -5.00 82.60 16.70
C THR A 73 -6.29 82.80 15.91
N CYS A 74 -7.43 82.65 16.58
CA CYS A 74 -8.74 82.85 15.98
C CYS A 74 -9.25 84.24 16.38
N LEU A 75 -9.50 85.09 15.40
CA LEU A 75 -9.93 86.46 15.65
C LEU A 75 -11.22 86.75 14.88
N LEU A 76 -12.12 87.45 15.55
CA LEU A 76 -13.37 87.95 14.96
C LEU A 76 -13.39 89.46 15.17
N ASN A 77 -13.07 90.20 14.11
CA ASN A 77 -13.06 91.66 14.15
C ASN A 77 -14.31 92.18 13.47
N PHE A 78 -15.06 93.02 14.19
CA PHE A 78 -16.29 93.58 13.67
C PHE A 78 -16.40 95.04 14.10
N LYS A 79 -17.16 95.80 13.32
CA LYS A 79 -17.40 97.21 13.57
C LYS A 79 -18.73 97.38 14.31
N VAL A 80 -18.84 98.49 15.05
CA VAL A 80 -20.04 98.81 15.80
C VAL A 80 -20.42 100.25 15.49
N LEU A 81 -21.73 100.51 15.51
CA LEU A 81 -22.34 101.73 15.01
C LEU A 81 -23.05 102.45 16.16
N VAL A 82 -22.66 103.71 16.38
CA VAL A 82 -23.30 104.57 17.37
C VAL A 82 -24.05 105.66 16.61
N GLU A 83 -25.36 105.71 16.80
CA GLU A 83 -26.17 106.68 16.05
C GLU A 83 -26.00 108.09 16.59
N ASP A 84 -25.64 108.23 17.87
CA ASP A 84 -25.38 109.56 18.42
C ASP A 84 -24.26 110.27 17.69
N ARG A 85 -23.29 109.52 17.19
CA ARG A 85 -22.14 110.05 16.47
C ARG A 85 -22.24 109.66 15.00
N VAL A 86 -21.26 110.12 14.21
CA VAL A 86 -21.29 109.96 12.76
C VAL A 86 -20.27 108.94 12.27
N LYS A 87 -19.45 108.38 13.16
CA LYS A 87 -18.40 107.44 12.77
C LYS A 87 -18.53 106.15 13.59
N LEU A 88 -17.96 105.08 13.04
CA LEU A 88 -18.04 103.75 13.63
C LEU A 88 -16.84 103.49 14.54
N TYR A 89 -16.90 102.37 15.26
CA TYR A 89 -15.83 101.93 16.15
C TYR A 89 -15.50 100.48 15.86
N GLY A 90 -14.27 100.21 15.45
CA GLY A 90 -13.85 98.87 15.10
C GLY A 90 -13.26 98.14 16.30
N VAL A 91 -13.74 96.91 16.53
CA VAL A 91 -13.27 96.08 17.63
C VAL A 91 -12.87 94.72 17.07
N GLU A 92 -12.19 93.94 17.91
CA GLU A 92 -11.65 92.65 17.51
C GLU A 92 -11.55 91.75 18.74
N VAL A 93 -12.21 90.60 18.70
CA VAL A 93 -12.24 89.67 19.83
C VAL A 93 -11.68 88.33 19.38
N GLU A 94 -10.63 87.87 20.05
CA GLU A 94 -9.94 86.64 19.67
C GLU A 94 -10.36 85.50 20.59
N VAL A 95 -10.98 84.47 20.01
CA VAL A 95 -11.42 83.32 20.79
C VAL A 95 -10.20 82.53 21.25
N VAL A 96 -10.25 82.04 22.49
CA VAL A 96 -9.22 81.15 23.01
C VAL A 96 -9.67 79.72 22.76
N ASP A 97 -8.76 78.76 22.94
CA ASP A 97 -9.05 77.36 22.70
C ASP A 97 -9.15 76.61 24.02
N ILE A 98 -10.18 75.76 24.12
CA ILE A 98 -10.33 74.84 25.24
C ILE A 98 -10.30 73.42 24.69
N ASN A 99 -9.95 72.48 25.56
CA ASN A 99 -9.82 71.07 25.14
C ASN A 99 -11.16 70.39 25.33
N ASP A 100 -11.93 70.33 24.24
CA ASP A 100 -13.18 69.59 24.22
C ASP A 100 -13.19 68.44 23.21
N ASN A 101 -12.33 68.49 22.19
CA ASN A 101 -12.30 67.48 21.14
C ASN A 101 -11.23 66.44 21.46
N ALA A 102 -11.57 65.18 21.25
CA ALA A 102 -10.62 64.09 21.40
C ALA A 102 -9.95 63.79 20.06
N PRO A 103 -8.70 63.33 20.06
CA PRO A 103 -8.05 62.96 18.81
C PRO A 103 -8.79 61.82 18.13
N LYS A 104 -8.67 61.77 16.80
CA LYS A 104 -9.38 60.79 16.00
C LYS A 104 -8.44 60.12 15.01
N PHE A 105 -8.70 58.85 14.74
CA PHE A 105 -7.96 58.08 13.74
C PHE A 105 -8.77 57.98 12.45
N GLU A 106 -8.11 57.46 11.41
CA GLU A 106 -8.77 57.35 10.11
C GLU A 106 -9.84 56.27 10.10
N ALA A 107 -9.69 55.24 10.92
CA ALA A 107 -10.66 54.16 10.99
C ALA A 107 -10.57 53.50 12.36
N GLU A 108 -11.54 52.63 12.65
CA GLU A 108 -11.56 51.90 13.90
C GLU A 108 -10.60 50.71 13.90
N ASN A 109 -10.24 50.20 12.73
CA ASN A 109 -9.38 49.03 12.62
C ASN A 109 -8.41 49.22 11.46
N LEU A 110 -7.12 49.13 11.74
CA LEU A 110 -6.08 49.21 10.72
C LEU A 110 -5.03 48.15 11.00
N PHE A 111 -4.47 47.59 9.94
CA PHE A 111 -3.56 46.46 10.04
C PHE A 111 -2.26 46.76 9.30
N VAL A 112 -1.18 46.14 9.78
CA VAL A 112 0.16 46.31 9.21
C VAL A 112 0.67 44.94 8.80
N LYS A 113 1.20 44.85 7.58
CA LYS A 113 1.71 43.60 7.03
C LYS A 113 3.20 43.46 7.37
N ILE A 114 3.55 42.36 8.02
CA ILE A 114 4.93 42.07 8.40
C ILE A 114 5.26 40.66 7.95
N SER A 115 6.42 40.49 7.32
CA SER A 115 6.80 39.16 6.84
C SER A 115 7.36 38.32 7.98
N GLU A 116 7.43 37.02 7.74
CA GLU A 116 8.03 36.11 8.71
C GLU A 116 9.55 36.24 8.72
N ILE A 117 10.14 36.62 7.59
CA ILE A 117 11.59 36.79 7.49
C ILE A 117 12.06 38.11 8.09
N ALA A 118 11.13 38.99 8.45
CA ALA A 118 11.48 40.31 8.99
C ALA A 118 12.39 40.16 10.21
N ALA A 119 13.59 40.73 10.10
CA ALA A 119 14.57 40.67 11.17
C ALA A 119 14.26 41.71 12.24
N PRO A 120 14.61 41.43 13.50
CA PRO A 120 14.35 42.39 14.57
C PRO A 120 15.07 43.71 14.32
N GLY A 121 14.40 44.80 14.69
CA GLY A 121 14.92 46.14 14.49
C GLY A 121 14.25 46.92 13.39
N ALA A 122 13.23 46.36 12.74
CA ALA A 122 12.53 47.05 11.66
C ALA A 122 11.38 47.87 12.23
N ARG A 123 11.30 49.14 11.84
CA ARG A 123 10.25 50.05 12.29
C ARG A 123 9.21 50.20 11.18
N TYR A 124 7.95 49.97 11.54
CA TYR A 124 6.83 50.03 10.62
C TYR A 124 5.92 51.22 10.94
N PRO A 125 5.46 51.94 9.92
CA PRO A 125 4.64 53.14 10.18
C PRO A 125 3.36 52.78 10.91
N LEU A 126 3.05 53.58 11.91
CA LEU A 126 1.80 53.48 12.65
C LEU A 126 0.83 54.57 12.20
N PRO A 127 -0.47 54.32 12.33
CA PRO A 127 -1.45 55.34 11.95
C PRO A 127 -1.32 56.58 12.81
N GLU A 128 -1.42 57.74 12.17
CA GLU A 128 -1.30 59.04 12.83
C GLU A 128 -2.67 59.65 13.03
N ALA A 129 -2.94 60.11 14.25
CA ALA A 129 -4.24 60.68 14.59
C ALA A 129 -4.25 62.18 14.36
N VAL A 130 -5.43 62.78 14.52
CA VAL A 130 -5.63 64.20 14.31
C VAL A 130 -6.52 64.75 15.43
N ASP A 131 -6.18 65.93 15.93
CA ASP A 131 -6.92 66.58 17.00
C ASP A 131 -7.31 67.98 16.53
N PRO A 132 -8.61 68.30 16.48
CA PRO A 132 -9.02 69.63 15.99
C PRO A 132 -8.47 70.79 16.80
N ASP A 133 -8.11 70.58 18.07
CA ASP A 133 -7.64 71.65 18.91
C ASP A 133 -6.25 72.11 18.47
N VAL A 134 -5.75 73.17 19.13
CA VAL A 134 -4.47 73.79 18.79
C VAL A 134 -3.68 74.00 20.07
N GLY A 135 -2.38 73.78 20.00
CA GLY A 135 -1.50 74.02 21.13
C GLY A 135 -1.46 72.86 22.10
N ILE A 136 -1.54 73.16 23.40
CA ILE A 136 -1.53 72.10 24.41
C ILE A 136 -2.76 71.22 24.27
N ASN A 137 -3.90 71.83 23.90
CA ASN A 137 -5.13 71.06 23.76
C ASN A 137 -5.09 70.11 22.56
N SER A 138 -4.15 70.31 21.64
CA SER A 138 -4.01 69.41 20.51
C SER A 138 -3.28 68.14 20.92
N LEU A 139 -3.02 67.27 19.94
CA LEU A 139 -2.38 65.99 20.21
C LEU A 139 -1.01 66.19 20.84
N GLN A 140 -0.69 65.36 21.83
CA GLN A 140 0.60 65.41 22.49
C GLN A 140 1.43 64.14 22.30
N SER A 141 0.90 62.97 22.65
CA SER A 141 1.74 61.78 22.67
C SER A 141 0.93 60.54 22.29
N TYR A 142 1.67 59.44 22.14
CA TYR A 142 1.10 58.12 21.89
C TYR A 142 1.63 57.15 22.95
N GLN A 143 0.92 56.05 23.12
CA GLN A 143 1.43 54.95 23.94
C GLN A 143 0.95 53.64 23.36
N LEU A 144 1.85 52.65 23.35
CA LEU A 144 1.59 51.36 22.73
C LEU A 144 1.46 50.28 23.80
N SER A 145 0.49 49.38 23.61
CA SER A 145 0.32 48.27 24.52
C SER A 145 1.57 47.40 24.52
N PRO A 146 2.05 46.95 25.68
CA PRO A 146 3.26 46.14 25.72
C PRO A 146 3.07 44.81 24.99
N ASN A 147 4.12 44.38 24.30
CA ASN A 147 4.10 43.11 23.59
C ASN A 147 5.53 42.56 23.57
N ARG A 148 5.62 41.23 23.61
CA ARG A 148 6.94 40.59 23.59
C ARG A 148 7.64 40.76 22.26
N HIS A 149 6.89 40.96 21.18
CA HIS A 149 7.47 41.07 19.85
C HIS A 149 7.71 42.50 19.40
N PHE A 150 7.08 43.49 20.02
CA PHE A 150 7.09 44.85 19.49
C PHE A 150 7.37 45.86 20.60
N SER A 151 7.78 47.04 20.18
CA SER A 151 7.92 48.21 21.04
C SER A 151 7.46 49.44 20.27
N LEU A 152 7.45 50.58 20.94
CA LEU A 152 6.98 51.83 20.36
C LEU A 152 8.15 52.76 20.08
N HIS A 153 8.02 53.56 19.02
CA HIS A 153 9.04 54.52 18.65
C HIS A 153 8.35 55.79 18.14
N LEU A 154 8.67 56.92 18.76
CA LEU A 154 8.06 58.20 18.45
C LEU A 154 9.10 59.14 17.85
N GLN A 155 8.68 59.90 16.84
CA GLN A 155 9.54 60.87 16.17
C GLN A 155 8.89 62.26 16.28
N THR A 156 9.18 62.97 17.37
CA THR A 156 8.70 64.33 17.51
C THR A 156 9.54 65.27 16.63
N GLY A 157 8.90 66.35 16.16
CA GLY A 157 9.53 67.25 15.22
C GLY A 157 9.38 68.71 15.63
N ASP A 158 10.15 69.55 14.95
CA ASP A 158 10.01 71.00 15.11
C ASP A 158 8.61 71.46 14.72
N ASP A 159 8.00 70.80 13.72
CA ASP A 159 6.63 71.11 13.32
C ASP A 159 5.63 70.87 14.44
N GLY A 160 6.02 70.11 15.48
CA GLY A 160 5.12 69.72 16.53
C GLY A 160 4.39 68.42 16.30
N THR A 161 4.36 67.93 15.06
CA THR A 161 3.74 66.66 14.75
C THR A 161 4.72 65.52 15.00
N ILE A 162 4.22 64.44 15.59
CA ILE A 162 5.03 63.26 15.92
C ILE A 162 4.67 62.14 14.96
N ASN A 163 5.68 61.43 14.50
CA ASN A 163 5.48 60.27 13.63
C ASN A 163 5.68 59.01 14.45
N PRO A 164 4.63 58.23 14.70
CA PRO A 164 4.79 56.97 15.43
C PRO A 164 5.08 55.79 14.51
N GLU A 165 5.81 54.84 15.06
CA GLU A 165 6.14 53.63 14.33
C GLU A 165 6.50 52.53 15.33
N LEU A 166 6.20 51.29 14.98
CA LEU A 166 6.48 50.17 15.86
C LEU A 166 7.84 49.56 15.52
N VAL A 167 8.47 48.97 16.54
CA VAL A 167 9.79 48.36 16.41
C VAL A 167 9.64 46.86 16.64
N LEU A 168 10.25 46.07 15.76
CA LEU A 168 10.22 44.61 15.87
C LEU A 168 11.32 44.17 16.82
N GLU A 169 10.92 43.64 17.98
CA GLU A 169 11.88 43.18 18.99
C GLU A 169 12.27 41.73 18.78
N ARG A 170 11.28 40.84 18.68
CA ARG A 170 11.52 39.44 18.39
C ARG A 170 11.06 39.12 16.97
N THR A 171 11.77 38.22 16.30
CA THR A 171 11.36 37.77 14.99
C THR A 171 9.99 37.10 15.07
N LEU A 172 9.15 37.37 14.08
CA LEU A 172 7.81 36.81 14.07
C LEU A 172 7.81 35.41 13.44
N ASP A 173 6.76 34.66 13.73
CA ASP A 173 6.58 33.32 13.17
C ASP A 173 5.09 33.09 12.99
N ARG A 174 4.66 32.92 11.73
CA ARG A 174 3.25 32.72 11.45
C ARG A 174 2.78 31.31 11.82
N GLU A 175 3.69 30.35 11.90
CA GLU A 175 3.29 28.98 12.17
C GLU A 175 2.78 28.81 13.59
N GLU A 176 3.24 29.66 14.51
CA GLU A 176 2.76 29.62 15.89
C GLU A 176 1.53 30.52 16.07
N GLU A 177 1.54 31.71 15.49
CA GLU A 177 0.42 32.63 15.60
C GLU A 177 0.37 33.52 14.36
N PRO A 178 -0.74 33.49 13.61
CA PRO A 178 -0.77 34.25 12.35
C PRO A 178 -0.91 35.75 12.53
N THR A 179 -1.72 36.19 13.49
CA THR A 179 -2.03 37.61 13.65
C THR A 179 -1.91 38.01 15.11
N HIS A 180 -1.45 39.24 15.33
CA HIS A 180 -1.37 39.84 16.67
C HIS A 180 -2.43 40.93 16.80
N HIS A 181 -2.77 41.23 18.05
CA HIS A 181 -3.77 42.24 18.37
C HIS A 181 -3.19 43.20 19.41
N LEU A 182 -3.00 44.45 19.01
CA LEU A 182 -2.41 45.47 19.85
C LEU A 182 -3.32 46.70 19.90
N VAL A 183 -3.07 47.56 20.88
CA VAL A 183 -3.86 48.77 21.10
C VAL A 183 -2.92 49.97 21.11
N LEU A 184 -3.21 50.96 20.28
CA LEU A 184 -2.43 52.19 20.22
C LEU A 184 -3.28 53.34 20.73
N THR A 185 -2.82 54.01 21.78
CA THR A 185 -3.56 55.06 22.45
C THR A 185 -2.99 56.43 22.10
N ALA A 186 -3.87 57.40 21.88
CA ALA A 186 -3.50 58.76 21.52
C ALA A 186 -3.94 59.71 22.63
N TYR A 187 -3.03 60.58 23.04
CA TYR A 187 -3.23 61.50 24.16
C TYR A 187 -2.97 62.94 23.73
N ASP A 188 -3.77 63.85 24.26
CA ASP A 188 -3.56 65.29 24.16
C ASP A 188 -3.10 65.84 25.51
N GLY A 189 -2.75 67.12 25.52
CA GLY A 189 -2.18 67.72 26.71
C GLY A 189 -3.15 68.54 27.55
N GLY A 190 -4.30 68.89 26.98
CA GLY A 190 -5.26 69.73 27.67
C GLY A 190 -6.07 69.00 28.72
N ASN A 191 -5.58 69.01 29.96
CA ASN A 191 -6.33 68.37 31.06
C ASN A 191 -7.59 69.16 31.41
N PRO A 192 -8.72 68.48 31.62
CA PRO A 192 -8.96 67.02 31.58
C PRO A 192 -8.67 66.40 30.21
N ARG A 193 -7.69 65.50 30.19
CA ARG A 193 -7.12 65.01 28.94
C ARG A 193 -8.04 64.02 28.26
N ARG A 194 -8.25 64.21 26.95
CA ARG A 194 -8.95 63.25 26.14
C ARG A 194 -7.97 62.19 25.64
N SER A 195 -8.50 61.18 24.95
CA SER A 195 -7.69 60.08 24.46
C SER A 195 -8.48 59.31 23.42
N SER A 196 -7.77 58.48 22.66
CA SER A 196 -8.43 57.65 21.66
C SER A 196 -7.63 56.37 21.46
N THR A 197 -8.25 55.22 21.74
CA THR A 197 -7.63 53.93 21.49
C THR A 197 -7.86 53.53 20.03
N ALA A 198 -7.00 52.63 19.56
CA ALA A 198 -7.07 52.15 18.19
C ALA A 198 -6.61 50.71 18.14
N LEU A 199 -7.43 49.85 17.55
CA LEU A 199 -7.14 48.41 17.49
C LEU A 199 -6.32 48.13 16.23
N ILE A 200 -5.12 47.57 16.42
CA ILE A 200 -4.21 47.25 15.33
C ILE A 200 -4.02 45.74 15.28
N GLN A 201 -4.07 45.19 14.07
CA GLN A 201 -3.81 43.77 13.85
C GLN A 201 -2.50 43.61 13.09
N VAL A 202 -1.58 42.84 13.63
CA VAL A 202 -0.31 42.54 12.98
C VAL A 202 -0.50 41.28 12.16
N THR A 203 -0.55 41.42 10.83
CA THR A 203 -0.70 40.30 9.92
C THR A 203 0.69 39.83 9.50
N VAL A 204 0.99 38.57 9.80
CA VAL A 204 2.29 37.98 9.47
C VAL A 204 2.20 37.34 8.08
N LEU A 205 3.14 37.67 7.21
CA LEU A 205 3.21 37.05 5.89
C LEU A 205 3.83 35.66 6.01
N ASP A 206 3.95 34.97 4.88
CA ASP A 206 4.41 33.60 4.85
C ASP A 206 5.75 33.51 4.12
N THR A 207 6.75 32.96 4.80
CA THR A 207 8.02 32.61 4.18
C THR A 207 8.13 31.09 4.12
N ASN A 208 8.63 30.58 3.00
CA ASN A 208 8.81 29.14 2.82
C ASN A 208 10.03 28.71 3.63
N ASP A 209 9.82 28.61 4.94
CA ASP A 209 10.86 28.16 5.87
C ASP A 209 10.51 26.82 6.52
N ASN A 210 9.42 26.17 6.08
CA ASN A 210 9.01 24.87 6.57
C ASN A 210 9.21 23.84 5.47
N ALA A 211 10.12 22.88 5.71
CA ALA A 211 10.31 21.79 4.77
C ALA A 211 9.34 20.65 5.07
N PRO A 212 8.91 19.90 4.06
CA PRO A 212 8.02 18.76 4.33
C PRO A 212 8.69 17.72 5.20
N VAL A 213 7.96 17.24 6.20
CA VAL A 213 8.46 16.22 7.12
C VAL A 213 7.40 15.13 7.22
N PHE A 214 7.78 13.91 6.82
CA PHE A 214 6.84 12.80 6.83
C PHE A 214 6.45 12.43 8.25
N ASP A 215 5.25 11.87 8.40
CA ASP A 215 4.76 11.43 9.70
C ASP A 215 5.76 10.48 10.36
N GLN A 216 6.03 9.36 9.71
CA GLN A 216 6.91 8.33 10.21
C GLN A 216 8.20 8.29 9.39
N PRO A 217 9.35 8.03 10.03
CA PRO A 217 10.60 7.93 9.27
C PRO A 217 10.68 6.68 8.40
N VAL A 218 9.91 5.63 8.72
CA VAL A 218 9.88 4.40 7.94
C VAL A 218 8.44 3.92 7.86
N TYR A 219 7.96 3.69 6.64
CA TYR A 219 6.64 3.10 6.40
C TYR A 219 6.81 1.62 6.10
N ARG A 220 6.11 0.78 6.86
CA ARG A 220 6.23 -0.67 6.76
C ARG A 220 4.89 -1.28 6.38
N VAL A 221 4.92 -2.24 5.45
CA VAL A 221 3.73 -2.98 5.05
C VAL A 221 4.12 -4.43 4.84
N LYS A 222 3.26 -5.35 5.28
CA LYS A 222 3.44 -6.77 5.06
C LYS A 222 2.24 -7.29 4.29
N VAL A 223 2.50 -7.83 3.09
CA VAL A 223 1.44 -8.21 2.17
C VAL A 223 1.80 -9.53 1.52
N LEU A 224 0.78 -10.32 1.19
CA LEU A 224 0.98 -11.61 0.56
C LEU A 224 1.43 -11.43 -0.90
N GLU A 225 1.99 -12.50 -1.46
CA GLU A 225 2.46 -12.45 -2.83
C GLU A 225 1.32 -12.48 -3.85
N ASN A 226 0.17 -13.05 -3.48
CA ASN A 226 -0.96 -13.14 -4.38
C ASN A 226 -1.67 -11.80 -4.52
N VAL A 227 -0.95 -10.72 -4.19
CA VAL A 227 -1.57 -9.40 -4.12
C VAL A 227 -1.95 -8.95 -5.53
N ALA A 228 -3.18 -8.46 -5.68
CA ALA A 228 -3.66 -8.06 -6.99
C ALA A 228 -3.14 -6.67 -7.34
N PRO A 229 -2.63 -6.46 -8.55
CA PRO A 229 -2.24 -5.11 -8.97
C PRO A 229 -3.44 -4.17 -8.94
N GLY A 230 -3.16 -2.90 -8.71
CA GLY A 230 -4.19 -1.90 -8.52
C GLY A 230 -4.67 -1.77 -7.09
N THR A 231 -4.27 -2.67 -6.20
CA THR A 231 -4.65 -2.56 -4.81
C THR A 231 -3.88 -1.44 -4.13
N LEU A 232 -4.38 -0.99 -2.99
CA LEU A 232 -3.75 0.09 -2.24
C LEU A 232 -2.83 -0.51 -1.18
N LEU A 233 -1.52 -0.36 -1.37
CA LEU A 233 -0.58 -0.79 -0.34
C LEU A 233 -0.73 0.06 0.92
N LEU A 234 -0.46 1.35 0.82
CA LEU A 234 -0.49 2.21 2.00
C LEU A 234 -0.70 3.65 1.56
N THR A 235 -0.62 4.57 2.53
CA THR A 235 -0.77 6.01 2.28
C THR A 235 0.34 6.75 2.99
N VAL A 236 1.00 7.65 2.27
CA VAL A 236 2.11 8.43 2.81
C VAL A 236 1.67 9.88 2.93
N ARG A 237 1.93 10.48 4.09
CA ARG A 237 1.59 11.87 4.36
C ARG A 237 2.84 12.64 4.78
N ALA A 238 2.94 13.88 4.31
CA ALA A 238 4.00 14.79 4.70
C ALA A 238 3.39 16.05 5.28
N SER A 239 4.10 16.67 6.22
CA SER A 239 3.63 17.84 6.94
C SER A 239 4.32 19.08 6.40
N ASP A 240 3.52 20.05 5.94
CA ASP A 240 4.03 21.35 5.52
C ASP A 240 3.09 22.42 6.05
N PRO A 241 3.39 23.02 7.21
CA PRO A 241 2.50 24.03 7.79
C PRO A 241 2.47 25.35 7.04
N ASP A 242 3.22 25.50 5.94
CA ASP A 242 3.23 26.74 5.19
C ASP A 242 1.87 26.97 4.53
N GLU A 243 1.78 28.06 3.78
CA GLU A 243 0.53 28.49 3.16
C GLU A 243 0.69 28.59 1.66
N GLY A 244 -0.32 28.11 0.94
CA GLY A 244 -0.30 28.13 -0.51
C GLY A 244 0.53 27.04 -1.14
N ALA A 245 1.23 27.38 -2.23
CA ALA A 245 2.08 26.39 -2.90
C ALA A 245 3.20 25.93 -1.98
N ASN A 246 3.58 26.75 -1.00
CA ASN A 246 4.60 26.35 -0.05
C ASN A 246 4.09 25.30 0.93
N GLY A 247 2.79 25.01 0.94
CA GLY A 247 2.25 23.98 1.81
C GLY A 247 1.77 22.76 1.05
N LYS A 248 1.90 22.80 -0.28
CA LYS A 248 1.51 21.68 -1.13
C LYS A 248 2.61 20.64 -1.17
N VAL A 249 2.22 19.39 -1.39
CA VAL A 249 3.15 18.26 -1.39
C VAL A 249 3.07 17.53 -2.72
N THR A 250 4.22 17.08 -3.20
CA THR A 250 4.34 16.24 -4.39
C THR A 250 5.31 15.11 -4.07
N TYR A 251 4.87 13.87 -4.31
CA TYR A 251 5.61 12.69 -3.91
C TYR A 251 6.17 11.96 -5.13
N LYS A 252 7.43 11.52 -5.04
CA LYS A 252 8.00 10.68 -6.07
C LYS A 252 9.16 9.87 -5.47
N PHE A 253 9.47 8.77 -6.14
CA PHE A 253 10.54 7.90 -5.67
C PHE A 253 11.91 8.54 -5.90
N ARG A 254 12.88 8.13 -5.09
CA ARG A 254 14.28 8.44 -5.36
C ARG A 254 14.98 7.31 -6.10
N LYS A 255 14.59 6.07 -5.85
CA LYS A 255 15.08 4.92 -6.61
C LYS A 255 14.32 4.88 -7.93
N ILE A 256 14.95 5.40 -8.99
CA ILE A 256 14.25 5.69 -10.23
C ILE A 256 14.56 4.71 -11.36
N ASN A 257 15.63 3.92 -11.25
CA ASN A 257 16.08 3.10 -12.38
C ASN A 257 15.73 1.62 -12.24
N GLU A 258 15.57 1.11 -11.02
CA GLU A 258 15.35 -0.32 -10.84
C GLU A 258 13.92 -0.70 -11.24
N LYS A 259 13.67 -2.01 -11.27
CA LYS A 259 12.36 -2.52 -11.67
C LYS A 259 11.29 -2.26 -10.62
N HIS A 260 11.69 -1.91 -9.38
CA HIS A 260 10.70 -1.64 -8.34
C HIS A 260 9.79 -0.48 -8.73
N SER A 261 10.32 0.52 -9.43
CA SER A 261 9.49 1.61 -9.93
C SER A 261 8.38 1.10 -10.84
N LEU A 262 8.65 0.04 -11.60
CA LEU A 262 7.63 -0.55 -12.45
C LEU A 262 6.68 -1.47 -11.67
N LEU A 263 7.05 -1.84 -10.44
CA LEU A 263 6.23 -2.75 -9.65
C LEU A 263 5.20 -2.01 -8.82
N PHE A 264 5.49 -0.77 -8.42
CA PHE A 264 4.60 0.01 -7.57
C PHE A 264 4.25 1.31 -8.27
N HIS A 265 3.16 1.93 -7.78
CA HIS A 265 2.71 3.21 -8.28
C HIS A 265 2.52 4.15 -7.11
N LEU A 266 3.02 5.38 -7.24
CA LEU A 266 2.94 6.39 -6.19
C LEU A 266 2.22 7.61 -6.77
N HIS A 267 1.00 7.86 -6.29
CA HIS A 267 0.26 9.02 -6.76
C HIS A 267 0.98 10.29 -6.34
N GLU A 268 1.27 11.15 -7.32
CA GLU A 268 2.10 12.32 -7.08
C GLU A 268 1.46 13.26 -6.06
N ASN A 269 0.13 13.29 -5.99
CA ASN A 269 -0.55 14.19 -5.07
C ASN A 269 -0.98 13.48 -3.79
N THR A 270 -1.92 12.55 -3.89
CA THR A 270 -2.45 11.89 -2.70
C THR A 270 -1.38 11.11 -1.93
N GLY A 271 -0.30 10.72 -2.60
CA GLY A 271 0.75 9.98 -1.92
C GLY A 271 0.38 8.57 -1.57
N GLU A 272 -0.44 7.92 -2.39
CA GLU A 272 -0.88 6.55 -2.12
C GLU A 272 0.05 5.55 -2.79
N MET A 273 0.53 4.59 -2.00
CA MET A 273 1.35 3.50 -2.51
C MET A 273 0.43 2.36 -2.95
N THR A 274 0.46 2.06 -4.25
CA THR A 274 -0.37 1.01 -4.84
C THR A 274 0.51 0.03 -5.60
N VAL A 275 -0.08 -1.14 -5.90
CA VAL A 275 0.63 -2.22 -6.58
C VAL A 275 0.32 -2.15 -8.07
N ALA A 276 1.37 -2.20 -8.90
CA ALA A 276 1.22 -2.15 -10.35
C ALA A 276 1.38 -3.51 -11.01
N LYS A 277 2.29 -4.35 -10.51
CA LYS A 277 2.58 -5.64 -11.12
C LYS A 277 2.54 -6.72 -10.06
N ASN A 278 2.21 -7.94 -10.47
CA ASN A 278 2.10 -9.06 -9.54
C ASN A 278 3.46 -9.39 -8.92
N LEU A 279 3.42 -9.80 -7.65
CA LEU A 279 4.62 -10.08 -6.87
C LEU A 279 4.80 -11.59 -6.71
N ASP A 280 5.99 -11.96 -6.24
CA ASP A 280 6.34 -13.37 -6.06
C ASP A 280 7.33 -13.49 -4.91
N TYR A 281 6.93 -14.23 -3.86
CA TYR A 281 7.80 -14.41 -2.71
C TYR A 281 9.10 -15.09 -3.08
N GLU A 282 9.08 -15.97 -4.07
CA GLU A 282 10.29 -16.70 -4.45
C GLU A 282 11.25 -15.83 -5.25
N GLU A 283 10.74 -14.86 -6.01
CA GLU A 283 11.61 -13.94 -6.73
C GLU A 283 12.29 -12.98 -5.77
N CYS A 284 11.51 -12.24 -4.99
CA CYS A 284 12.04 -11.29 -4.03
C CYS A 284 10.95 -10.88 -3.04
N SER A 285 11.28 -10.86 -1.74
CA SER A 285 10.31 -10.57 -0.70
C SER A 285 10.64 -9.32 0.10
N LEU A 286 11.76 -8.65 -0.18
CA LEU A 286 12.16 -7.43 0.52
C LEU A 286 12.26 -6.29 -0.48
N TYR A 287 11.31 -5.36 -0.42
CA TYR A 287 11.29 -4.21 -1.33
C TYR A 287 11.53 -2.95 -0.52
N GLU A 288 12.78 -2.50 -0.47
CA GLU A 288 13.15 -1.27 0.23
C GLU A 288 13.26 -0.13 -0.77
N MET A 289 12.50 0.95 -0.54
CA MET A 289 12.51 2.10 -1.42
C MET A 289 12.54 3.37 -0.58
N GLU A 290 12.92 4.47 -1.22
CA GLU A 290 13.04 5.77 -0.58
C GLU A 290 12.26 6.80 -1.39
N ILE A 291 11.23 7.37 -0.79
CA ILE A 291 10.39 8.34 -1.46
C ILE A 291 10.63 9.73 -0.88
N GLN A 292 10.23 10.74 -1.63
CA GLN A 292 10.59 12.13 -1.37
C GLN A 292 9.43 13.04 -1.75
N ALA A 293 9.18 14.03 -0.89
CA ALA A 293 8.11 15.00 -1.08
C ALA A 293 8.70 16.40 -1.23
N GLU A 294 8.10 17.20 -2.10
CA GLU A 294 8.52 18.57 -2.33
C GLU A 294 7.32 19.50 -2.26
N ASP A 295 7.59 20.77 -1.99
CA ASP A 295 6.58 21.81 -1.88
C ASP A 295 6.66 22.74 -3.10
N GLY A 296 6.24 23.99 -2.93
CA GLY A 296 6.34 24.94 -4.03
C GLY A 296 7.78 25.28 -4.38
N GLY A 297 8.63 25.45 -3.37
CA GLY A 297 10.04 25.68 -3.57
C GLY A 297 10.83 24.38 -3.62
N GLY A 298 12.14 24.52 -3.53
CA GLY A 298 13.00 23.36 -3.61
C GLY A 298 13.11 22.61 -2.30
N LEU A 299 12.26 22.94 -1.34
CA LEU A 299 12.28 22.28 -0.05
C LEU A 299 11.74 20.85 -0.19
N LYS A 300 12.45 19.89 0.37
CA LYS A 300 12.12 18.48 0.17
C LYS A 300 12.39 17.69 1.45
N GLY A 301 11.64 16.59 1.59
CA GLY A 301 11.85 15.67 2.69
C GLY A 301 11.82 14.23 2.20
N ARG A 302 12.48 13.36 2.95
CA ARG A 302 12.62 11.96 2.57
C ARG A 302 12.02 11.04 3.62
N THR A 303 11.55 9.88 3.16
CA THR A 303 11.21 8.79 4.06
C THR A 303 11.41 7.47 3.33
N LYS A 304 11.49 6.39 4.10
CA LYS A 304 11.75 5.06 3.57
C LYS A 304 10.50 4.20 3.69
N VAL A 305 10.14 3.52 2.60
CA VAL A 305 9.02 2.59 2.56
C VAL A 305 9.58 1.19 2.39
N VAL A 306 9.12 0.26 3.21
CA VAL A 306 9.60 -1.11 3.21
C VAL A 306 8.41 -2.04 3.01
N VAL A 307 8.43 -2.76 1.89
CA VAL A 307 7.40 -3.76 1.56
C VAL A 307 7.96 -5.13 1.90
N MET A 308 7.25 -5.85 2.77
CA MET A 308 7.60 -7.20 3.14
C MET A 308 6.54 -8.15 2.58
N VAL A 309 6.97 -9.08 1.74
CA VAL A 309 6.08 -10.06 1.14
C VAL A 309 6.20 -11.36 1.93
N GLU A 310 5.10 -12.11 1.98
CA GLU A 310 5.06 -13.38 2.68
C GLU A 310 4.57 -14.47 1.72
N ASP A 311 4.99 -15.70 1.98
CA ASP A 311 4.75 -16.79 1.05
C ASP A 311 3.29 -17.23 1.07
N VAL A 312 2.82 -17.74 -0.07
CA VAL A 312 1.47 -18.25 -0.21
C VAL A 312 1.54 -19.57 -0.97
N ASN A 313 0.69 -20.53 -0.58
CA ASN A 313 0.62 -21.81 -1.27
C ASN A 313 0.05 -21.67 -2.68
N ASP A 314 0.90 -21.33 -3.65
CA ASP A 314 0.52 -21.22 -5.05
C ASP A 314 1.41 -22.06 -5.94
N ASN A 315 1.99 -23.12 -5.38
CA ASN A 315 2.87 -24.02 -6.12
C ASN A 315 2.57 -25.45 -5.71
N ARG A 316 2.83 -26.40 -6.66
CA ARG A 316 2.59 -27.82 -6.52
C ARG A 316 3.89 -28.57 -6.24
N PRO A 317 3.82 -29.69 -5.52
CA PRO A 317 5.02 -30.49 -5.27
C PRO A 317 5.58 -31.05 -6.57
N GLU A 318 6.90 -31.25 -6.59
CA GLU A 318 7.60 -31.68 -7.79
C GLU A 318 8.35 -32.97 -7.49
N VAL A 319 7.97 -34.04 -8.18
CA VAL A 319 8.58 -35.36 -8.01
C VAL A 319 9.65 -35.54 -9.07
N THR A 320 10.82 -36.01 -8.65
CA THR A 320 11.90 -36.38 -9.55
C THR A 320 12.23 -37.85 -9.32
N ILE A 321 12.09 -38.66 -10.36
CA ILE A 321 12.32 -40.10 -10.26
C ILE A 321 13.77 -40.40 -10.61
N THR A 322 14.43 -41.16 -9.74
CA THR A 322 15.81 -41.60 -9.98
C THR A 322 15.90 -43.02 -10.50
N SER A 323 15.10 -43.95 -9.95
CA SER A 323 15.19 -45.34 -10.38
C SER A 323 13.80 -45.92 -10.59
N LEU A 324 13.61 -46.58 -11.73
CA LEU A 324 12.35 -47.23 -12.08
C LEU A 324 12.64 -48.64 -12.56
N PHE A 325 11.83 -49.59 -12.09
CA PHE A 325 12.00 -51.01 -12.43
C PHE A 325 10.63 -51.57 -12.85
N SER A 326 10.21 -51.21 -14.07
CA SER A 326 8.88 -51.62 -14.54
C SER A 326 8.71 -53.13 -14.56
N PRO A 327 9.64 -53.93 -15.11
CA PRO A 327 9.55 -55.38 -14.90
C PRO A 327 10.32 -55.82 -13.68
N VAL A 328 9.72 -56.66 -12.85
CA VAL A 328 10.39 -57.25 -11.69
C VAL A 328 10.19 -58.76 -11.75
N ARG A 329 11.21 -59.50 -11.34
CA ARG A 329 11.12 -60.94 -11.30
C ARG A 329 9.99 -61.37 -10.36
N GLU A 330 9.20 -62.35 -10.82
CA GLU A 330 8.09 -62.84 -10.01
C GLU A 330 8.58 -63.42 -8.68
N ASP A 331 9.82 -63.90 -8.64
CA ASP A 331 10.40 -64.49 -7.45
C ASP A 331 10.89 -63.45 -6.44
N ALA A 332 10.56 -62.18 -6.65
CA ALA A 332 11.08 -61.13 -5.79
C ALA A 332 10.53 -61.29 -4.37
N PRO A 333 11.38 -61.26 -3.34
CA PRO A 333 10.89 -61.31 -1.98
C PRO A 333 10.16 -60.02 -1.62
N PRO A 334 9.28 -60.05 -0.62
CA PRO A 334 8.64 -58.80 -0.17
C PRO A 334 9.69 -57.87 0.44
N GLY A 335 9.89 -56.72 -0.19
CA GLY A 335 10.87 -55.77 0.27
C GLY A 335 11.80 -55.29 -0.83
N THR A 336 11.65 -55.86 -2.03
CA THR A 336 12.42 -55.42 -3.17
C THR A 336 11.85 -54.10 -3.70
N VAL A 337 12.76 -53.17 -4.02
CA VAL A 337 12.33 -51.84 -4.45
C VAL A 337 11.74 -51.93 -5.86
N ILE A 338 10.77 -51.06 -6.13
CA ILE A 338 10.22 -50.94 -7.48
C ILE A 338 10.22 -49.47 -7.89
N LEU A 339 10.43 -48.57 -6.93
CA LEU A 339 10.52 -47.16 -7.30
C LEU A 339 11.47 -46.42 -6.35
N LEU A 340 12.23 -45.48 -6.91
CA LEU A 340 13.12 -44.63 -6.13
C LEU A 340 12.99 -43.20 -6.64
N PHE A 341 12.53 -42.30 -5.77
CA PHE A 341 12.26 -40.93 -6.17
C PHE A 341 12.43 -40.01 -4.96
N ASN A 342 12.10 -38.73 -5.16
CA ASN A 342 12.12 -37.74 -4.09
C ASN A 342 11.12 -36.64 -4.43
N ALA A 343 10.78 -35.83 -3.44
CA ALA A 343 9.85 -34.72 -3.62
C ALA A 343 10.51 -33.42 -3.21
N HIS A 344 10.00 -32.32 -3.75
CA HIS A 344 10.48 -30.99 -3.39
C HIS A 344 9.43 -29.96 -3.80
N ASP A 345 9.07 -29.10 -2.85
CA ASP A 345 8.11 -28.02 -3.09
C ASP A 345 8.86 -26.69 -3.16
N GLN A 346 8.36 -25.78 -4.01
CA GLN A 346 8.98 -24.47 -4.12
C GLN A 346 8.61 -23.57 -2.96
N ASP A 347 7.44 -23.78 -2.36
CA ASP A 347 6.99 -22.94 -1.25
C ASP A 347 7.81 -23.20 0.00
N SER A 348 7.58 -22.38 1.01
CA SER A 348 8.29 -22.47 2.28
C SER A 348 7.31 -22.81 3.40
N GLY A 349 7.87 -23.27 4.52
CA GLY A 349 7.08 -23.58 5.69
C GLY A 349 6.09 -24.71 5.45
N LYS A 350 4.93 -24.61 6.11
CA LYS A 350 3.88 -25.62 5.96
C LYS A 350 3.42 -25.77 4.52
N ASN A 351 3.63 -24.76 3.68
CA ASN A 351 3.35 -24.87 2.25
C ASN A 351 4.44 -25.62 1.50
N GLY A 352 5.60 -25.86 2.13
CA GLY A 352 6.70 -26.53 1.48
C GLY A 352 6.87 -27.97 1.92
N GLN A 353 6.29 -28.33 3.06
CA GLN A 353 6.35 -29.71 3.53
C GLN A 353 5.49 -30.59 2.64
N VAL A 354 6.00 -31.77 2.33
CA VAL A 354 5.37 -32.70 1.39
C VAL A 354 5.01 -33.99 2.12
N VAL A 355 3.84 -34.53 1.77
CA VAL A 355 3.36 -35.81 2.29
C VAL A 355 3.13 -36.70 1.08
N CYS A 356 4.03 -37.65 0.87
CA CYS A 356 3.92 -38.62 -0.22
C CYS A 356 3.19 -39.85 0.29
N SER A 357 1.96 -40.04 -0.15
CA SER A 357 1.12 -41.14 0.28
C SER A 357 0.65 -41.92 -0.94
N ILE A 358 1.05 -43.18 -1.02
CA ILE A 358 0.40 -44.10 -1.94
C ILE A 358 -0.92 -44.53 -1.32
N GLN A 359 -1.92 -44.75 -2.16
CA GLN A 359 -3.16 -45.33 -1.68
C GLN A 359 -2.88 -46.70 -1.09
N GLU A 360 -3.27 -46.91 0.16
CA GLU A 360 -2.95 -48.13 0.88
C GLU A 360 -3.49 -49.36 0.16
N ASN A 361 -2.59 -50.12 -0.47
CA ASN A 361 -2.92 -51.41 -1.06
C ASN A 361 -2.06 -52.49 -0.42
N PRO A 362 -2.51 -53.75 -0.42
CA PRO A 362 -1.72 -54.81 0.24
C PRO A 362 -0.43 -55.15 -0.47
N SER A 363 -0.32 -54.87 -1.77
CA SER A 363 0.80 -55.41 -2.55
C SER A 363 2.09 -54.61 -2.34
N PHE A 364 1.99 -53.30 -2.16
CA PHE A 364 3.16 -52.44 -2.09
C PHE A 364 3.05 -51.49 -0.90
N LYS A 365 4.20 -51.00 -0.47
CA LYS A 365 4.26 -50.01 0.60
C LYS A 365 5.35 -49.00 0.30
N LEU A 366 5.11 -47.76 0.69
CA LEU A 366 6.05 -46.67 0.47
C LEU A 366 6.79 -46.35 1.77
N GLU A 367 8.11 -46.18 1.66
CA GLU A 367 8.97 -45.97 2.81
C GLU A 367 9.76 -44.69 2.61
N ASN A 368 9.65 -43.78 3.59
CA ASN A 368 10.50 -42.59 3.65
C ASN A 368 11.83 -43.03 4.25
N SER A 369 12.76 -43.41 3.37
CA SER A 369 14.06 -43.92 3.83
C SER A 369 14.79 -42.88 4.65
N VAL A 370 15.18 -41.78 4.02
CA VAL A 370 15.83 -40.66 4.71
C VAL A 370 15.32 -39.36 4.11
N ASP A 371 15.30 -38.32 4.94
CA ASP A 371 15.08 -36.93 4.51
C ASP A 371 13.72 -36.85 3.81
N ASP A 372 13.63 -36.38 2.57
CA ASP A 372 12.40 -36.44 1.79
C ASP A 372 12.59 -37.27 0.52
N TYR A 373 13.55 -38.19 0.52
CA TYR A 373 13.72 -39.17 -0.55
C TYR A 373 12.84 -40.37 -0.23
N TYR A 374 11.95 -40.73 -1.16
CA TYR A 374 10.99 -41.80 -0.93
C TYR A 374 11.31 -43.00 -1.81
N ARG A 375 11.06 -44.19 -1.24
CA ARG A 375 11.41 -45.46 -1.86
C ARG A 375 10.20 -46.38 -1.78
N LEU A 376 9.68 -46.79 -2.93
CA LEU A 376 8.48 -47.63 -3.02
C LEU A 376 8.88 -49.09 -3.20
N LEU A 377 8.46 -49.93 -2.26
CA LEU A 377 8.83 -51.34 -2.18
C LEU A 377 7.58 -52.22 -2.24
N THR A 378 7.84 -53.52 -2.32
CA THR A 378 6.80 -54.55 -2.35
C THR A 378 6.51 -55.07 -0.95
N ALA A 379 5.33 -55.71 -0.81
CA ALA A 379 4.88 -56.22 0.48
C ALA A 379 4.59 -57.72 0.48
N GLN A 380 4.42 -58.35 -0.69
CA GLN A 380 4.18 -59.79 -0.76
C GLN A 380 4.86 -60.32 -2.02
N ILE A 381 4.78 -61.63 -2.22
CA ILE A 381 5.33 -62.26 -3.41
C ILE A 381 4.34 -62.13 -4.56
N LEU A 382 4.85 -61.79 -5.74
CA LEU A 382 4.02 -61.62 -6.92
C LEU A 382 3.78 -62.96 -7.60
N ASP A 383 2.78 -62.97 -8.49
CA ASP A 383 2.38 -64.19 -9.19
C ASP A 383 1.67 -63.77 -10.47
N ARG A 384 2.38 -63.78 -11.59
CA ARG A 384 1.84 -63.23 -12.84
C ARG A 384 0.77 -64.10 -13.46
N GLU A 385 0.55 -65.31 -12.96
CA GLU A 385 -0.56 -66.13 -13.45
C GLU A 385 -1.90 -65.70 -12.85
N LYS A 386 -1.88 -64.88 -11.81
CA LYS A 386 -3.09 -64.26 -11.27
C LYS A 386 -3.20 -62.77 -11.59
N ALA A 387 -2.07 -62.09 -11.77
CA ALA A 387 -2.07 -60.67 -12.12
C ALA A 387 -0.67 -60.31 -12.63
N SER A 388 -0.59 -59.91 -13.89
CA SER A 388 0.68 -59.49 -14.50
C SER A 388 0.80 -57.99 -14.60
N GLU A 389 -0.17 -57.24 -14.09
CA GLU A 389 -0.24 -55.80 -14.27
C GLU A 389 -0.73 -55.15 -12.99
N TYR A 390 -0.16 -53.99 -12.66
CA TYR A 390 -0.49 -53.28 -11.43
C TYR A 390 -0.57 -51.79 -11.73
N ASN A 391 -1.70 -51.18 -11.37
CA ASN A 391 -1.86 -49.73 -11.48
C ASN A 391 -1.51 -49.08 -10.15
N ILE A 392 -0.56 -48.17 -10.18
CA ILE A 392 0.00 -47.53 -8.99
C ILE A 392 -0.25 -46.04 -9.09
N THR A 393 -0.81 -45.47 -8.02
CA THR A 393 -1.11 -44.04 -7.95
C THR A 393 -0.51 -43.48 -6.67
N VAL A 394 0.63 -42.81 -6.79
CA VAL A 394 1.27 -42.15 -5.67
C VAL A 394 0.79 -40.70 -5.63
N THR A 395 0.25 -40.28 -4.49
CA THR A 395 -0.30 -38.94 -4.33
C THR A 395 0.57 -38.14 -3.39
N ALA A 396 1.20 -37.08 -3.90
CA ALA A 396 2.06 -36.20 -3.11
C ALA A 396 1.30 -34.91 -2.83
N THR A 397 0.89 -34.72 -1.59
CA THR A 397 0.10 -33.56 -1.17
C THR A 397 0.89 -32.73 -0.19
N ASP A 398 0.93 -31.41 -0.41
CA ASP A 398 1.62 -30.55 0.53
C ASP A 398 0.79 -30.37 1.79
N ARG A 399 1.43 -29.88 2.85
CA ARG A 399 0.81 -29.74 4.15
C ARG A 399 0.21 -28.35 4.37
N GLY A 400 0.20 -27.49 3.35
CA GLY A 400 -0.35 -26.16 3.48
C GLY A 400 -1.85 -26.10 3.30
N THR A 401 -2.38 -24.89 3.33
CA THR A 401 -3.82 -24.67 3.22
C THR A 401 -4.15 -23.52 2.27
N PRO A 402 -4.93 -23.80 1.20
CA PRO A 402 -5.42 -25.13 0.82
C PRO A 402 -4.34 -26.05 0.26
N SER A 403 -4.54 -27.35 0.37
CA SER A 403 -3.52 -28.31 -0.04
C SER A 403 -3.51 -28.48 -1.56
N MET A 404 -2.31 -28.60 -2.12
CA MET A 404 -2.10 -28.88 -3.53
C MET A 404 -1.38 -30.21 -3.66
N SER A 405 -1.96 -31.12 -4.45
CA SER A 405 -1.44 -32.48 -4.58
C SER A 405 -1.11 -32.77 -6.04
N THR A 406 0.13 -33.17 -6.30
CA THR A 406 0.51 -33.73 -7.58
C THR A 406 0.38 -35.25 -7.53
N GLU A 407 0.19 -35.84 -8.70
CA GLU A 407 -0.15 -37.26 -8.81
C GLU A 407 0.82 -37.94 -9.78
N VAL A 408 1.40 -39.05 -9.35
CA VAL A 408 2.36 -39.81 -10.16
C VAL A 408 1.80 -41.20 -10.38
N HIS A 409 1.67 -41.60 -11.65
CA HIS A 409 1.09 -42.88 -12.03
C HIS A 409 2.18 -43.79 -12.55
N ILE A 410 2.22 -45.03 -12.04
CA ILE A 410 3.16 -46.05 -12.48
C ILE A 410 2.38 -47.30 -12.85
N THR A 411 2.67 -47.85 -14.02
CA THR A 411 2.11 -49.14 -14.42
C THR A 411 3.21 -50.19 -14.32
N LEU A 412 2.91 -51.30 -13.64
CA LEU A 412 3.91 -52.29 -13.24
C LEU A 412 3.58 -53.63 -13.86
N TYR A 413 4.41 -54.07 -14.80
CA TYR A 413 4.29 -55.40 -15.40
C TYR A 413 5.37 -56.30 -14.80
N VAL A 414 4.96 -57.39 -14.18
CA VAL A 414 5.91 -58.31 -13.57
C VAL A 414 6.48 -59.24 -14.65
N ALA A 415 7.73 -59.65 -14.45
CA ALA A 415 8.41 -60.53 -15.38
C ALA A 415 8.03 -61.98 -15.11
N ASP A 416 8.48 -62.87 -16.00
CA ASP A 416 8.11 -64.28 -15.96
C ASP A 416 9.29 -65.11 -15.46
N ILE A 417 9.11 -65.76 -14.32
CA ILE A 417 10.05 -66.75 -13.80
C ILE A 417 9.40 -68.11 -13.92
N ASN A 418 10.14 -69.08 -14.46
CA ASN A 418 9.60 -70.39 -14.81
C ASN A 418 9.44 -71.22 -13.54
N ASP A 419 8.22 -71.30 -13.03
CA ASP A 419 7.89 -72.16 -11.89
C ASP A 419 6.66 -73.01 -12.14
N ASN A 420 6.17 -73.08 -13.38
CA ASN A 420 4.99 -73.86 -13.72
C ASN A 420 5.33 -74.86 -14.81
N PRO A 421 5.17 -76.16 -14.59
CA PRO A 421 5.53 -77.14 -15.61
C PRO A 421 4.42 -77.30 -16.62
N PRO A 422 4.73 -77.80 -17.82
CA PRO A 422 3.67 -78.04 -18.82
C PRO A 422 2.78 -79.19 -18.38
N ALA A 423 1.49 -79.06 -18.70
CA ALA A 423 0.49 -80.05 -18.32
C ALA A 423 -0.25 -80.54 -19.57
N PHE A 424 -0.45 -81.85 -19.65
CA PHE A 424 -1.17 -82.43 -20.77
C PHE A 424 -2.68 -82.20 -20.60
N SER A 425 -3.42 -82.56 -21.64
CA SER A 425 -4.88 -82.40 -21.62
C SER A 425 -5.55 -83.44 -20.73
N GLN A 426 -4.98 -84.64 -20.64
CA GLN A 426 -5.54 -85.72 -19.82
C GLN A 426 -4.46 -86.32 -18.95
N THR A 427 -4.88 -87.02 -17.90
CA THR A 427 -3.94 -87.73 -17.05
C THR A 427 -3.35 -88.95 -17.74
N SER A 428 -4.05 -89.50 -18.74
CA SER A 428 -3.65 -90.71 -19.42
C SER A 428 -4.41 -90.79 -20.74
N TYR A 429 -3.72 -91.22 -21.79
CA TYR A 429 -4.30 -91.29 -23.12
C TYR A 429 -4.43 -92.73 -23.60
N SER A 430 -5.38 -92.96 -24.50
CA SER A 430 -5.63 -94.28 -25.05
C SER A 430 -5.95 -94.14 -26.54
N VAL A 431 -5.25 -94.91 -27.36
CA VAL A 431 -5.39 -94.83 -28.82
C VAL A 431 -5.56 -96.24 -29.37
N TYR A 432 -6.52 -96.42 -30.26
CA TYR A 432 -6.85 -97.70 -30.86
C TYR A 432 -6.48 -97.72 -32.33
N LEU A 433 -5.87 -98.81 -32.79
CA LEU A 433 -5.60 -98.97 -34.21
C LEU A 433 -5.66 -100.44 -34.59
N PRO A 434 -6.35 -100.79 -35.68
CA PRO A 434 -6.38 -102.19 -36.12
C PRO A 434 -5.01 -102.72 -36.50
N GLU A 435 -4.94 -104.01 -36.86
CA GLU A 435 -3.66 -104.64 -37.18
C GLU A 435 -2.93 -103.90 -38.29
N ASN A 436 -3.57 -103.79 -39.47
CA ASN A 436 -2.95 -103.13 -40.61
C ASN A 436 -2.48 -101.74 -40.22
N ASN A 437 -1.22 -101.45 -40.53
CA ASN A 437 -0.57 -100.22 -40.09
C ASN A 437 0.35 -99.79 -41.22
N PRO A 438 -0.12 -98.89 -42.08
CA PRO A 438 0.75 -98.33 -43.12
C PRO A 438 2.01 -97.75 -42.49
N ARG A 439 3.16 -98.20 -42.98
CA ARG A 439 4.43 -97.93 -42.33
C ARG A 439 4.67 -96.43 -42.17
N GLY A 440 4.96 -96.03 -40.93
CA GLY A 440 5.31 -94.66 -40.63
C GLY A 440 4.16 -93.69 -40.55
N THR A 441 2.94 -94.15 -40.31
CA THR A 441 1.80 -93.27 -40.32
C THR A 441 1.58 -92.65 -38.93
N SER A 442 0.96 -91.48 -38.92
CA SER A 442 0.61 -90.82 -37.66
C SER A 442 -0.71 -91.36 -37.15
N ILE A 443 -0.76 -91.62 -35.85
CA ILE A 443 -1.85 -92.38 -35.25
C ILE A 443 -2.59 -91.64 -34.14
N PHE A 444 -2.01 -90.62 -33.53
CA PHE A 444 -2.65 -89.97 -32.40
C PHE A 444 -2.23 -88.50 -32.36
N SER A 445 -2.87 -87.76 -31.46
CA SER A 445 -2.56 -86.35 -31.28
C SER A 445 -2.72 -86.01 -29.80
N VAL A 446 -1.63 -85.60 -29.15
CA VAL A 446 -1.61 -85.29 -27.73
C VAL A 446 -1.30 -83.82 -27.54
N SER A 447 -2.01 -83.16 -26.63
CA SER A 447 -1.92 -81.73 -26.43
C SER A 447 -1.46 -81.40 -25.02
N ALA A 448 -0.63 -80.37 -24.90
CA ALA A 448 -0.12 -79.90 -23.61
C ALA A 448 -0.21 -78.39 -23.56
N HIS A 449 -0.07 -77.84 -22.35
CA HIS A 449 -0.15 -76.40 -22.15
C HIS A 449 0.70 -76.03 -20.95
N ASP A 450 1.24 -74.81 -20.98
CA ASP A 450 2.11 -74.31 -19.92
C ASP A 450 1.62 -72.93 -19.49
N PRO A 451 1.43 -72.69 -18.19
CA PRO A 451 0.90 -71.39 -17.76
C PRO A 451 1.85 -70.23 -18.00
N ASP A 452 3.15 -70.47 -18.04
CA ASP A 452 4.13 -69.39 -18.19
C ASP A 452 4.03 -68.79 -19.60
N ASP A 453 4.95 -67.88 -19.92
CA ASP A 453 4.90 -67.16 -21.17
C ASP A 453 6.20 -67.35 -21.94
N GLU A 454 6.09 -67.28 -23.27
CA GLU A 454 7.22 -67.35 -24.19
C GLU A 454 7.96 -68.69 -24.07
N GLU A 455 9.28 -68.67 -23.91
CA GLU A 455 10.04 -69.91 -23.98
C GLU A 455 9.66 -70.86 -22.86
N ASN A 456 9.27 -70.33 -21.70
CA ASN A 456 8.85 -71.16 -20.57
C ASN A 456 7.45 -71.73 -20.76
N ALA A 457 6.89 -71.56 -21.96
CA ALA A 457 5.66 -72.23 -22.36
C ALA A 457 5.83 -73.01 -23.65
N LYS A 458 7.06 -73.21 -24.10
CA LYS A 458 7.34 -73.93 -25.35
C LYS A 458 7.57 -75.40 -25.02
N VAL A 459 6.67 -76.26 -25.46
CA VAL A 459 6.75 -77.69 -25.17
C VAL A 459 7.75 -78.34 -26.11
N THR A 460 8.53 -79.28 -25.56
CA THR A 460 9.49 -80.07 -26.33
C THR A 460 9.18 -81.54 -26.04
N TYR A 461 8.37 -82.15 -26.91
CA TYR A 461 7.88 -83.50 -26.67
C TYR A 461 9.00 -84.53 -26.85
N SER A 462 9.06 -85.48 -25.92
CA SER A 462 10.04 -86.55 -25.94
C SER A 462 9.35 -87.85 -25.51
N LEU A 463 10.11 -88.94 -25.53
CA LEU A 463 9.59 -90.25 -25.15
C LEU A 463 10.61 -90.97 -24.28
N VAL A 464 10.10 -91.72 -23.30
CA VAL A 464 10.97 -92.47 -22.40
C VAL A 464 11.68 -93.58 -23.17
N GLU A 465 12.89 -93.92 -22.70
CA GLU A 465 13.70 -94.91 -23.38
C GLU A 465 13.79 -96.20 -22.58
N ASN A 466 12.63 -96.84 -22.35
CA ASN A 466 12.60 -98.18 -21.79
C ASN A 466 12.67 -99.17 -22.96
N THR A 467 13.67 -100.04 -22.93
CA THR A 467 13.90 -100.97 -24.02
C THR A 467 12.81 -102.04 -24.01
N ILE A 468 11.93 -102.02 -25.01
CA ILE A 468 11.13 -103.18 -25.39
C ILE A 468 12.13 -104.20 -25.90
N GLN A 469 11.73 -105.47 -26.04
CA GLN A 469 12.56 -106.52 -26.63
C GLN A 469 13.40 -105.99 -27.80
N GLY A 470 14.71 -105.90 -27.59
CA GLY A 470 15.59 -105.31 -28.57
C GLY A 470 15.52 -103.80 -28.68
N ALA A 471 14.85 -103.14 -27.74
CA ALA A 471 14.77 -101.68 -27.70
C ALA A 471 14.29 -101.06 -29.00
N PRO A 472 13.15 -101.49 -29.53
CA PRO A 472 12.65 -100.84 -30.74
C PRO A 472 11.69 -99.71 -30.40
N LEU A 473 11.83 -99.15 -29.18
CA LEU A 473 11.08 -97.96 -28.81
C LEU A 473 11.19 -96.87 -29.89
N SER A 474 12.41 -96.66 -30.38
CA SER A 474 12.60 -95.77 -31.52
C SER A 474 12.08 -96.41 -32.79
N SER A 475 12.30 -97.72 -32.94
CA SER A 475 11.84 -98.43 -34.12
C SER A 475 10.31 -98.58 -34.15
N TYR A 476 9.67 -98.69 -32.98
CA TYR A 476 8.22 -98.86 -32.96
C TYR A 476 7.48 -97.54 -33.20
N VAL A 477 7.90 -96.47 -32.51
CA VAL A 477 7.15 -95.23 -32.48
C VAL A 477 8.11 -94.05 -32.42
N SER A 478 7.63 -92.89 -32.87
CA SER A 478 8.41 -91.66 -32.77
C SER A 478 7.44 -90.47 -32.70
N ILE A 479 7.86 -89.42 -32.02
CA ILE A 479 7.07 -88.19 -31.95
C ILE A 479 7.96 -87.02 -32.34
N ASN A 480 7.35 -86.03 -32.98
CA ASN A 480 8.05 -84.79 -33.29
C ASN A 480 7.89 -83.80 -32.14
N SER A 481 8.92 -82.99 -31.94
CA SER A 481 8.95 -82.08 -30.80
C SER A 481 7.83 -81.05 -30.85
N ASP A 482 7.29 -80.76 -32.04
CA ASP A 482 6.30 -79.69 -32.20
C ASP A 482 4.96 -80.16 -32.71
N THR A 483 4.90 -81.20 -33.55
CA THR A 483 3.61 -81.67 -34.05
C THR A 483 2.72 -82.16 -32.92
N GLY A 484 3.31 -82.84 -31.94
CA GLY A 484 2.52 -83.45 -30.89
C GLY A 484 1.75 -84.67 -31.33
N VAL A 485 2.18 -85.32 -32.40
CA VAL A 485 1.49 -86.49 -32.94
C VAL A 485 2.40 -87.70 -32.82
N LEU A 486 1.78 -88.87 -32.68
CA LEU A 486 2.51 -90.12 -32.59
C LEU A 486 2.66 -90.75 -33.96
N TYR A 487 3.79 -91.41 -34.17
CA TYR A 487 4.15 -92.04 -35.44
C TYR A 487 4.41 -93.52 -35.18
N ALA A 488 3.55 -94.36 -35.75
CA ALA A 488 3.78 -95.80 -35.81
C ALA A 488 4.61 -96.09 -37.06
N LEU A 489 5.76 -96.73 -36.87
CA LEU A 489 6.72 -96.93 -37.95
C LEU A 489 6.49 -98.23 -38.69
N GLN A 490 6.18 -99.30 -37.97
CA GLN A 490 6.02 -100.62 -38.56
C GLN A 490 4.58 -101.10 -38.41
N SER A 491 4.17 -101.99 -39.30
CA SER A 491 2.84 -102.56 -39.20
C SER A 491 2.74 -103.44 -37.96
N PHE A 492 1.51 -103.64 -37.50
CA PHE A 492 1.25 -104.32 -36.24
C PHE A 492 0.43 -105.58 -36.49
N ASP A 493 0.83 -106.67 -35.84
CA ASP A 493 0.05 -107.91 -35.83
C ASP A 493 -0.41 -108.16 -34.41
N TYR A 494 -1.71 -108.42 -34.23
CA TYR A 494 -2.24 -108.66 -32.91
C TYR A 494 -1.61 -109.89 -32.25
N GLU A 495 -0.96 -110.75 -33.03
CA GLU A 495 -0.37 -111.98 -32.52
C GLU A 495 1.05 -111.81 -32.01
N GLN A 496 1.74 -110.72 -32.37
CA GLN A 496 3.02 -110.41 -31.76
C GLN A 496 2.82 -109.56 -30.49
N PHE A 497 2.30 -108.36 -30.65
CA PHE A 497 1.88 -107.52 -29.54
C PHE A 497 0.37 -107.35 -29.57
N GLN A 498 -0.19 -106.98 -28.41
CA GLN A 498 -1.56 -106.50 -28.34
C GLN A 498 -1.63 -105.05 -27.90
N ASN A 499 -0.88 -104.69 -26.86
CA ASN A 499 -0.92 -103.35 -26.27
C ASN A 499 0.51 -102.92 -25.95
N LEU A 500 0.73 -101.61 -26.00
CA LEU A 500 2.05 -101.05 -25.72
C LEU A 500 1.89 -99.82 -24.84
N GLN A 501 2.63 -99.78 -23.73
CA GLN A 501 2.55 -98.68 -22.77
C GLN A 501 3.84 -97.86 -22.83
N MET A 502 3.70 -96.58 -23.14
CA MET A 502 4.83 -95.66 -23.20
C MET A 502 4.53 -94.46 -22.32
N GLN A 503 5.52 -93.59 -22.15
CA GLN A 503 5.35 -92.35 -21.41
C GLN A 503 5.87 -91.20 -22.27
N VAL A 504 5.01 -90.24 -22.54
CA VAL A 504 5.38 -89.06 -23.33
C VAL A 504 5.75 -87.93 -22.38
N LYS A 505 6.80 -87.19 -22.72
CA LYS A 505 7.40 -86.19 -21.85
C LYS A 505 7.26 -84.81 -22.50
N ALA A 506 7.03 -83.80 -21.66
CA ALA A 506 6.95 -82.42 -22.11
C ALA A 506 7.84 -81.57 -21.23
N SER A 507 8.72 -80.78 -21.84
CA SER A 507 9.64 -79.92 -21.14
C SER A 507 9.64 -78.53 -21.78
N ASP A 508 9.66 -77.49 -20.94
CA ASP A 508 9.72 -76.13 -21.42
C ASP A 508 11.16 -75.77 -21.80
N ASN A 509 11.33 -75.18 -22.99
CA ASN A 509 12.66 -74.97 -23.57
C ASN A 509 13.24 -73.65 -23.06
N GLY A 510 13.79 -73.71 -21.86
CA GLY A 510 14.53 -72.61 -21.27
C GLY A 510 15.15 -73.07 -19.97
N HIS A 511 16.38 -72.66 -19.69
CA HIS A 511 17.04 -73.09 -18.47
C HIS A 511 16.67 -72.16 -17.31
N PRO A 512 16.22 -72.74 -16.19
CA PRO A 512 16.05 -74.18 -15.95
C PRO A 512 14.74 -74.74 -16.52
N PRO A 513 14.78 -75.98 -17.00
CA PRO A 513 13.59 -76.58 -17.62
C PRO A 513 12.75 -77.37 -16.62
N LEU A 514 11.45 -77.43 -16.92
CA LEU A 514 10.49 -78.19 -16.13
C LEU A 514 9.85 -79.24 -17.01
N SER A 515 9.77 -80.47 -16.50
CA SER A 515 9.34 -81.62 -17.28
C SER A 515 8.12 -82.29 -16.65
N SER A 516 7.41 -83.05 -17.48
CA SER A 516 6.25 -83.80 -17.02
C SER A 516 6.01 -84.97 -17.97
N ASN A 517 5.93 -86.18 -17.42
CA ASN A 517 5.66 -87.37 -18.20
C ASN A 517 4.23 -87.84 -17.92
N VAL A 518 3.62 -88.45 -18.93
CA VAL A 518 2.27 -88.98 -18.85
C VAL A 518 2.20 -90.29 -19.61
N SER A 519 1.54 -91.29 -19.02
CA SER A 519 1.39 -92.58 -19.67
C SER A 519 0.45 -92.50 -20.86
N LEU A 520 0.73 -93.32 -21.86
CA LEU A 520 -0.08 -93.42 -23.07
C LEU A 520 0.03 -94.84 -23.58
N SER A 521 -1.12 -95.45 -23.87
CA SER A 521 -1.20 -96.85 -24.25
C SER A 521 -1.80 -96.99 -25.64
N VAL A 522 -1.11 -97.72 -26.51
CA VAL A 522 -1.58 -98.06 -27.84
C VAL A 522 -2.21 -99.44 -27.79
N PHE A 523 -3.44 -99.55 -28.31
CA PHE A 523 -4.17 -100.81 -28.32
C PHE A 523 -4.41 -101.24 -29.75
N LEU A 524 -3.90 -102.41 -30.10
CA LEU A 524 -4.15 -102.97 -31.42
C LEU A 524 -5.53 -103.63 -31.45
N LEU A 525 -6.10 -103.71 -32.65
CA LEU A 525 -7.41 -104.32 -32.85
C LEU A 525 -7.30 -105.48 -33.81
N ASP A 526 -8.01 -106.57 -33.51
CA ASP A 526 -7.93 -107.79 -34.28
C ASP A 526 -8.85 -107.73 -35.50
N GLN A 527 -8.42 -108.36 -36.59
CA GLN A 527 -9.15 -108.36 -37.85
C GLN A 527 -9.15 -109.76 -38.44
N ASN A 528 -9.71 -109.89 -39.64
CA ASN A 528 -9.82 -111.16 -40.34
C ASN A 528 -8.47 -111.50 -40.95
N ASP A 529 -7.65 -112.22 -40.18
CA ASP A 529 -6.30 -112.58 -40.61
C ASP A 529 -6.32 -113.60 -41.75
#